data_1JLZ
#
_entry.id   1JLZ
#
_cell.length_a   ?
_cell.length_b   ?
_cell.length_c   ?
_cell.angle_alpha   ?
_cell.angle_beta   ?
_cell.angle_gamma   ?
#
_entity_poly.entity_id   1
_entity_poly.type   'polypeptide(L)'
_entity_poly.pdbx_seq_one_letter_code
;ACGSCRKKCKGSGKCINGRCKCY
;
_entity_poly.pdbx_strand_id   A
#
# COMPACT_ATOMS: atom_id res chain seq x y z
N ALA A 1 3.42 -9.09 -0.04
CA ALA A 1 4.60 -8.21 0.20
C ALA A 1 4.20 -6.74 0.06
N CYS A 2 4.05 -6.05 1.16
CA CYS A 2 3.66 -4.60 1.11
C CYS A 2 4.44 -3.82 2.17
N GLY A 3 4.22 -4.15 3.43
CA GLY A 3 4.94 -3.44 4.54
C GLY A 3 4.00 -2.40 5.15
N SER A 4 2.84 -2.83 5.60
CA SER A 4 1.85 -1.89 6.22
C SER A 4 1.34 -0.89 5.18
N CYS A 5 1.33 -1.29 3.92
CA CYS A 5 0.85 -0.39 2.83
C CYS A 5 -0.60 0.03 3.12
N ARG A 6 -1.34 -0.83 3.79
CA ARG A 6 -2.77 -0.50 4.13
C ARG A 6 -2.79 0.62 5.16
N LYS A 7 -1.87 0.58 6.12
CA LYS A 7 -1.81 1.64 7.17
C LYS A 7 -1.25 2.91 6.54
N LYS A 8 -0.18 2.80 5.77
CA LYS A 8 0.41 3.99 5.08
C LYS A 8 -0.72 4.62 4.25
N CYS A 9 -1.41 3.78 3.51
CA CYS A 9 -2.58 4.22 2.71
C CYS A 9 -3.84 3.89 3.53
N LYS A 10 -3.81 4.25 4.83
CA LYS A 10 -4.95 3.99 5.79
C LYS A 10 -6.30 3.83 5.09
N GLY A 11 -6.62 2.61 4.73
CA GLY A 11 -7.89 2.30 4.01
C GLY A 11 -7.59 1.36 2.84
N SER A 12 -8.22 1.59 1.71
CA SER A 12 -7.98 0.73 0.50
C SER A 12 -6.73 1.24 -0.23
N GLY A 13 -5.67 0.46 -0.22
CA GLY A 13 -4.40 0.89 -0.89
C GLY A 13 -3.90 -0.21 -1.84
N LYS A 14 -2.69 -0.06 -2.32
CA LYS A 14 -2.09 -1.06 -3.25
C LYS A 14 -0.59 -1.17 -2.98
N CYS A 15 -0.06 -2.38 -2.97
CA CYS A 15 1.40 -2.60 -2.73
C CYS A 15 1.94 -3.56 -3.78
N ILE A 16 2.60 -3.03 -4.78
CA ILE A 16 3.16 -3.87 -5.88
C ILE A 16 4.36 -3.16 -6.51
N ASN A 17 5.23 -3.91 -7.15
CA ASN A 17 6.44 -3.30 -7.79
C ASN A 17 7.26 -2.56 -6.73
N GLY A 18 7.18 -3.00 -5.49
CA GLY A 18 7.94 -2.34 -4.38
C GLY A 18 7.45 -0.90 -4.22
N ARG A 19 6.18 -0.67 -4.50
CA ARG A 19 5.62 0.71 -4.37
C ARG A 19 4.24 0.63 -3.72
N CYS A 20 4.03 1.38 -2.65
CA CYS A 20 2.71 1.37 -1.96
C CYS A 20 1.89 2.58 -2.40
N LYS A 21 0.98 2.37 -3.32
CA LYS A 21 0.13 3.48 -3.83
C LYS A 21 -1.25 3.35 -3.16
N CYS A 22 -1.89 4.46 -2.87
CA CYS A 22 -3.23 4.43 -2.22
C CYS A 22 -4.31 4.56 -3.30
N TYR A 23 -5.49 4.07 -3.02
CA TYR A 23 -6.61 4.14 -4.01
C TYR A 23 -7.50 5.35 -3.69
N ALA A 1 -0.51 -10.02 3.01
CA ALA A 1 0.84 -9.73 2.46
C ALA A 1 0.81 -8.41 1.69
N CYS A 2 1.31 -7.36 2.31
CA CYS A 2 1.33 -6.00 1.65
C CYS A 2 2.65 -5.31 1.99
N GLY A 3 2.79 -4.88 3.22
CA GLY A 3 4.04 -4.19 3.66
C GLY A 3 3.69 -2.83 4.25
N SER A 4 2.79 -2.79 5.22
CA SER A 4 2.38 -1.51 5.87
C SER A 4 2.03 -0.46 4.81
N CYS A 5 1.54 -0.92 3.67
CA CYS A 5 1.18 0.01 2.56
C CYS A 5 0.08 0.98 3.01
N ARG A 6 -0.70 0.61 4.00
CA ARG A 6 -1.79 1.48 4.51
C ARG A 6 -1.20 2.78 5.06
N LYS A 7 -0.21 2.67 5.92
CA LYS A 7 0.43 3.88 6.52
C LYS A 7 1.33 4.54 5.49
N LYS A 8 2.04 3.76 4.69
CA LYS A 8 2.93 4.34 3.62
C LYS A 8 2.06 5.27 2.77
N CYS A 9 0.93 4.77 2.36
CA CYS A 9 -0.05 5.58 1.58
C CYS A 9 -1.10 6.12 2.58
N LYS A 10 -0.62 6.62 3.73
CA LYS A 10 -1.51 7.16 4.83
C LYS A 10 -2.84 7.69 4.32
N GLY A 11 -3.83 6.82 4.28
CA GLY A 11 -5.19 7.20 3.80
C GLY A 11 -5.82 6.01 3.07
N SER A 12 -5.47 5.85 1.81
CA SER A 12 -6.02 4.72 1.00
C SER A 12 -5.04 4.41 -0.13
N GLY A 13 -4.33 3.31 -0.04
CA GLY A 13 -3.33 2.93 -1.09
C GLY A 13 -3.63 1.54 -1.61
N LYS A 14 -2.64 0.92 -2.22
CA LYS A 14 -2.79 -0.45 -2.80
C LYS A 14 -1.50 -1.24 -2.63
N CYS A 15 -1.60 -2.48 -2.19
CA CYS A 15 -0.40 -3.35 -2.00
C CYS A 15 -0.56 -4.59 -2.89
N ILE A 16 -0.03 -4.52 -4.09
CA ILE A 16 -0.15 -5.66 -5.05
C ILE A 16 1.16 -5.82 -5.81
N ASN A 17 1.38 -7.00 -6.36
CA ASN A 17 2.64 -7.27 -7.13
C ASN A 17 3.86 -6.99 -6.22
N GLY A 18 3.68 -7.15 -4.92
CA GLY A 18 4.80 -6.90 -3.97
C GLY A 18 5.23 -5.44 -4.08
N ARG A 19 4.29 -4.56 -4.38
CA ARG A 19 4.60 -3.10 -4.51
C ARG A 19 3.49 -2.30 -3.84
N CYS A 20 3.84 -1.24 -3.16
CA CYS A 20 2.83 -0.40 -2.48
C CYS A 20 2.62 0.90 -3.26
N LYS A 21 1.51 0.99 -3.97
CA LYS A 21 1.18 2.22 -4.74
C LYS A 21 0.04 2.93 -4.02
N CYS A 22 0.03 4.25 -4.02
CA CYS A 22 -1.05 5.01 -3.33
C CYS A 22 -2.11 5.41 -4.34
N TYR A 23 -3.30 5.69 -3.86
CA TYR A 23 -4.43 6.10 -4.75
C TYR A 23 -4.53 7.63 -4.79
N ALA A 1 -3.03 -8.57 4.78
CA ALA A 1 -1.66 -8.12 5.12
C ALA A 1 -1.23 -7.01 4.14
N CYS A 2 -0.58 -5.99 4.64
CA CYS A 2 -0.11 -4.86 3.77
C CYS A 2 1.20 -4.30 4.31
N GLY A 3 1.17 -3.78 5.52
CA GLY A 3 2.40 -3.20 6.15
C GLY A 3 2.26 -1.68 6.26
N SER A 4 1.13 -1.23 6.77
CA SER A 4 0.89 0.25 6.93
C SER A 4 0.96 0.93 5.55
N CYS A 5 0.54 0.21 4.51
CA CYS A 5 0.56 0.77 3.13
C CYS A 5 -0.27 2.06 3.07
N ARG A 6 -1.28 2.17 3.90
CA ARG A 6 -2.15 3.39 3.91
C ARG A 6 -1.31 4.63 4.20
N LYS A 7 -0.46 4.56 5.21
CA LYS A 7 0.39 5.74 5.56
C LYS A 7 1.55 5.86 4.59
N LYS A 8 2.18 4.75 4.24
CA LYS A 8 3.32 4.78 3.26
C LYS A 8 2.80 5.47 1.99
N CYS A 9 1.64 5.04 1.55
CA CYS A 9 0.97 5.66 0.37
C CYS A 9 -0.06 6.67 0.90
N LYS A 10 0.35 7.48 1.88
CA LYS A 10 -0.55 8.50 2.54
C LYS A 10 -1.72 8.94 1.64
N GLY A 11 -2.81 8.22 1.76
CA GLY A 11 -4.03 8.51 0.94
C GLY A 11 -4.54 7.19 0.34
N SER A 12 -5.11 7.23 -0.84
CA SER A 12 -5.62 5.98 -1.49
C SER A 12 -4.44 5.19 -2.04
N GLY A 13 -4.16 4.04 -1.46
CA GLY A 13 -3.01 3.19 -1.92
C GLY A 13 -3.47 1.76 -2.12
N LYS A 14 -2.55 0.87 -2.42
CA LYS A 14 -2.88 -0.57 -2.64
C LYS A 14 -1.77 -1.44 -2.07
N CYS A 15 -2.13 -2.54 -1.43
CA CYS A 15 -1.12 -3.46 -0.83
C CYS A 15 -1.43 -4.89 -1.28
N ILE A 16 -0.80 -5.34 -2.34
CA ILE A 16 -1.04 -6.72 -2.87
C ILE A 16 0.26 -7.25 -3.47
N ASN A 17 0.34 -8.55 -3.65
CA ASN A 17 1.57 -9.19 -4.23
C ASN A 17 2.78 -8.84 -3.34
N GLY A 18 2.54 -8.62 -2.07
CA GLY A 18 3.65 -8.26 -1.13
C GLY A 18 4.27 -6.95 -1.58
N ARG A 19 3.47 -6.06 -2.13
CA ARG A 19 3.98 -4.74 -2.61
C ARG A 19 2.96 -3.65 -2.28
N CYS A 20 3.43 -2.52 -1.82
CA CYS A 20 2.51 -1.39 -1.48
C CYS A 20 2.68 -0.27 -2.51
N LYS A 21 1.73 -0.13 -3.40
CA LYS A 21 1.79 0.94 -4.44
C LYS A 21 0.72 1.97 -4.12
N CYS A 22 0.93 3.21 -4.51
CA CYS A 22 -0.07 4.29 -4.22
C CYS A 22 -0.93 4.50 -5.47
N TYR A 23 -2.13 5.02 -5.29
CA TYR A 23 -3.05 5.26 -6.43
C TYR A 23 -2.97 6.73 -6.85
N ALA A 1 4.99 -9.39 2.04
CA ALA A 1 5.30 -8.23 2.91
C ALA A 1 5.08 -6.93 2.14
N CYS A 2 4.16 -6.11 2.59
CA CYS A 2 3.86 -4.82 1.89
C CYS A 2 4.69 -3.70 2.53
N GLY A 3 4.45 -3.44 3.80
CA GLY A 3 5.21 -2.37 4.52
C GLY A 3 4.24 -1.33 5.08
N SER A 4 3.16 -1.78 5.69
CA SER A 4 2.15 -0.83 6.27
C SER A 4 1.59 0.07 5.15
N CYS A 5 1.53 -0.46 3.95
CA CYS A 5 1.01 0.32 2.78
C CYS A 5 -0.46 0.70 3.02
N ARG A 6 -1.17 -0.11 3.77
CA ARG A 6 -2.61 0.16 4.05
C ARG A 6 -2.78 1.51 4.78
N LYS A 7 -1.97 1.74 5.79
CA LYS A 7 -2.08 3.02 6.57
C LYS A 7 -1.41 4.15 5.80
N LYS A 8 -0.28 3.88 5.15
CA LYS A 8 0.42 4.95 4.35
C LYS A 8 -0.60 5.55 3.38
N CYS A 9 -1.38 4.69 2.76
CA CYS A 9 -2.47 5.13 1.85
C CYS A 9 -3.79 5.14 2.64
N LYS A 10 -3.74 5.66 3.88
CA LYS A 10 -4.94 5.72 4.81
C LYS A 10 -6.27 5.74 4.05
N GLY A 11 -6.80 4.57 3.77
CA GLY A 11 -8.10 4.44 3.04
C GLY A 11 -8.08 3.18 2.19
N SER A 12 -7.16 3.10 1.26
CA SER A 12 -7.05 1.90 0.36
C SER A 12 -5.90 2.12 -0.63
N GLY A 13 -4.82 1.41 -0.45
CA GLY A 13 -3.64 1.57 -1.37
C GLY A 13 -3.30 0.22 -2.01
N LYS A 14 -2.15 0.15 -2.65
CA LYS A 14 -1.69 -1.11 -3.31
C LYS A 14 -0.20 -1.33 -3.04
N CYS A 15 0.14 -2.49 -2.53
CA CYS A 15 1.58 -2.82 -2.23
C CYS A 15 2.03 -3.96 -3.12
N ILE A 16 2.82 -3.64 -4.12
CA ILE A 16 3.31 -4.69 -5.08
C ILE A 16 4.64 -4.25 -5.68
N ASN A 17 5.46 -5.20 -6.09
CA ASN A 17 6.79 -4.87 -6.68
C ASN A 17 7.62 -4.09 -5.66
N GLY A 18 7.41 -4.36 -4.39
CA GLY A 18 8.18 -3.66 -3.31
C GLY A 18 7.90 -2.16 -3.38
N ARG A 19 6.70 -1.79 -3.76
CA ARG A 19 6.33 -0.33 -3.86
C ARG A 19 4.90 -0.15 -3.37
N CYS A 20 4.65 0.89 -2.60
CA CYS A 20 3.28 1.13 -2.07
C CYS A 20 2.64 2.33 -2.78
N LYS A 21 1.79 2.06 -3.74
CA LYS A 21 1.08 3.15 -4.48
C LYS A 21 -0.34 3.25 -3.91
N CYS A 22 -0.87 4.44 -3.79
CA CYS A 22 -2.24 4.61 -3.22
C CYS A 22 -3.26 4.70 -4.36
N TYR A 23 -4.52 4.48 -4.04
CA TYR A 23 -5.61 4.53 -5.05
C TYR A 23 -6.26 5.91 -5.04
N ALA A 1 2.18 -8.76 -6.55
CA ALA A 1 3.09 -8.64 -5.38
C ALA A 1 3.04 -7.22 -4.81
N CYS A 2 2.46 -7.06 -3.66
CA CYS A 2 2.36 -5.70 -3.02
C CYS A 2 2.86 -5.78 -1.58
N GLY A 3 2.28 -6.65 -0.79
CA GLY A 3 2.71 -6.81 0.64
C GLY A 3 1.59 -6.33 1.56
N SER A 4 0.36 -6.73 1.28
CA SER A 4 -0.81 -6.31 2.12
C SER A 4 -0.90 -4.78 2.14
N CYS A 5 -0.55 -4.16 1.04
CA CYS A 5 -0.60 -2.67 0.93
C CYS A 5 -2.03 -2.16 1.14
N ARG A 6 -3.02 -2.95 0.76
CA ARG A 6 -4.45 -2.52 0.92
C ARG A 6 -4.76 -2.34 2.40
N LYS A 7 -4.37 -3.31 3.22
CA LYS A 7 -4.64 -3.23 4.69
C LYS A 7 -3.67 -2.23 5.31
N LYS A 8 -2.42 -2.26 4.90
CA LYS A 8 -1.41 -1.28 5.43
C LYS A 8 -1.96 0.12 5.21
N CYS A 9 -2.44 0.36 4.02
CA CYS A 9 -3.09 1.66 3.66
C CYS A 9 -4.61 1.46 3.80
N LYS A 10 -5.03 0.83 4.88
CA LYS A 10 -6.49 0.52 5.16
C LYS A 10 -7.44 1.53 4.48
N GLY A 11 -7.85 1.18 3.28
CA GLY A 11 -8.76 2.05 2.49
C GLY A 11 -8.33 2.04 1.02
N SER A 12 -7.65 3.08 0.58
CA SER A 12 -7.16 3.15 -0.83
C SER A 12 -5.67 3.44 -0.82
N GLY A 13 -4.86 2.48 -1.21
CA GLY A 13 -3.37 2.68 -1.22
C GLY A 13 -2.80 2.29 -2.58
N LYS A 14 -1.48 2.27 -2.68
CA LYS A 14 -0.79 1.90 -3.95
C LYS A 14 0.47 1.09 -3.64
N CYS A 15 0.67 0.00 -4.36
CA CYS A 15 1.88 -0.86 -4.15
C CYS A 15 2.64 -0.99 -5.46
N ILE A 16 3.64 -0.16 -5.64
CA ILE A 16 4.47 -0.18 -6.89
C ILE A 16 5.90 0.21 -6.55
N ASN A 17 6.83 -0.13 -7.42
CA ASN A 17 8.28 0.20 -7.17
C ASN A 17 8.73 -0.48 -5.87
N GLY A 18 8.11 -1.59 -5.53
CA GLY A 18 8.49 -2.34 -4.29
C GLY A 18 8.24 -1.44 -3.07
N ARG A 19 7.22 -0.62 -3.13
CA ARG A 19 6.90 0.30 -1.99
C ARG A 19 5.39 0.52 -1.91
N CYS A 20 4.84 0.49 -0.72
CA CYS A 20 3.38 0.70 -0.53
C CYS A 20 3.12 2.12 -0.02
N LYS A 21 2.44 2.92 -0.82
CA LYS A 21 2.11 4.32 -0.42
C LYS A 21 0.58 4.41 -0.31
N CYS A 22 0.07 5.20 0.61
CA CYS A 22 -1.42 5.32 0.76
C CYS A 22 -1.90 6.55 0.01
N TYR A 23 -3.16 6.54 -0.35
CA TYR A 23 -3.77 7.69 -1.10
C TYR A 23 -4.49 8.63 -0.13
N ALA A 1 4.46 -9.95 2.52
CA ALA A 1 3.90 -8.89 3.40
C ALA A 1 3.77 -7.59 2.61
N CYS A 2 3.08 -6.62 3.17
CA CYS A 2 2.90 -5.30 2.49
C CYS A 2 3.97 -4.32 2.97
N GLY A 3 3.85 -3.85 4.19
CA GLY A 3 4.86 -2.90 4.75
C GLY A 3 4.15 -1.62 5.24
N SER A 4 3.07 -1.78 5.99
CA SER A 4 2.31 -0.59 6.51
C SER A 4 1.82 0.25 5.33
N CYS A 5 1.57 -0.38 4.20
CA CYS A 5 1.09 0.35 2.98
C CYS A 5 -0.23 1.06 3.30
N ARG A 6 -1.02 0.53 4.21
CA ARG A 6 -2.33 1.15 4.56
C ARG A 6 -2.09 2.56 5.10
N LYS A 7 -1.03 2.75 5.86
CA LYS A 7 -0.72 4.10 6.43
C LYS A 7 0.07 4.91 5.42
N LYS A 8 0.95 4.28 4.66
CA LYS A 8 1.73 5.01 3.60
C LYS A 8 0.72 5.66 2.67
N CYS A 9 -0.23 4.87 2.22
CA CYS A 9 -1.34 5.37 1.36
C CYS A 9 -2.54 5.65 2.28
N LYS A 10 -2.28 6.34 3.39
CA LYS A 10 -3.33 6.68 4.43
C LYS A 10 -4.75 6.74 3.84
N GLY A 11 -5.42 5.61 3.86
CA GLY A 11 -6.80 5.50 3.31
C GLY A 11 -6.92 4.21 2.49
N SER A 12 -7.06 4.35 1.19
CA SER A 12 -7.17 3.15 0.29
C SER A 12 -5.91 3.04 -0.56
N GLY A 13 -5.08 2.05 -0.29
CA GLY A 13 -3.81 1.87 -1.06
C GLY A 13 -3.71 0.43 -1.56
N LYS A 14 -2.55 0.07 -2.09
CA LYS A 14 -2.33 -1.31 -2.62
C LYS A 14 -0.88 -1.74 -2.38
N CYS A 15 -0.69 -2.89 -1.79
CA CYS A 15 0.70 -3.42 -1.53
C CYS A 15 0.89 -4.70 -2.32
N ILE A 16 1.58 -4.60 -3.44
CA ILE A 16 1.80 -5.80 -4.31
C ILE A 16 3.17 -5.71 -4.98
N ASN A 17 3.74 -6.85 -5.32
CA ASN A 17 5.08 -6.88 -5.99
C ASN A 17 6.11 -6.19 -5.08
N GLY A 18 5.91 -6.28 -3.77
CA GLY A 18 6.85 -5.65 -2.80
C GLY A 18 6.84 -4.14 -3.01
N ARG A 19 5.70 -3.59 -3.40
CA ARG A 19 5.59 -2.12 -3.63
C ARG A 19 4.28 -1.62 -3.06
N CYS A 20 4.26 -0.41 -2.56
CA CYS A 20 3.02 0.17 -1.96
C CYS A 20 2.51 1.33 -2.84
N LYS A 21 1.53 1.05 -3.66
CA LYS A 21 0.95 2.10 -4.55
C LYS A 21 -0.36 2.57 -3.92
N CYS A 22 -0.69 3.84 -4.04
CA CYS A 22 -1.96 4.37 -3.45
C CYS A 22 -3.03 4.40 -4.54
N TYR A 23 -4.28 4.40 -4.12
CA TYR A 23 -5.41 4.43 -5.08
C TYR A 23 -5.92 5.87 -5.23
N ALA A 1 -2.12 -9.81 -4.36
CA ALA A 1 -2.54 -9.32 -3.02
C ALA A 1 -1.70 -8.09 -2.65
N CYS A 2 -2.25 -7.20 -1.86
CA CYS A 2 -1.50 -5.96 -1.45
C CYS A 2 -0.68 -6.26 -0.20
N GLY A 3 -1.34 -6.55 0.90
CA GLY A 3 -0.64 -6.86 2.18
C GLY A 3 -0.86 -5.72 3.18
N SER A 4 -2.11 -5.35 3.40
CA SER A 4 -2.43 -4.25 4.35
C SER A 4 -1.76 -2.94 3.88
N CYS A 5 -1.63 -2.78 2.57
CA CYS A 5 -0.99 -1.55 2.00
C CYS A 5 -1.75 -0.31 2.50
N ARG A 6 -3.03 -0.45 2.75
CA ARG A 6 -3.85 0.72 3.23
C ARG A 6 -3.37 1.12 4.63
N LYS A 7 -2.91 0.17 5.41
CA LYS A 7 -2.43 0.48 6.79
C LYS A 7 -0.95 0.86 6.72
N LYS A 8 -0.16 0.11 5.97
CA LYS A 8 1.29 0.45 5.82
C LYS A 8 1.38 1.90 5.36
N CYS A 9 0.59 2.23 4.37
CA CYS A 9 0.50 3.63 3.86
C CYS A 9 -0.73 4.29 4.54
N LYS A 10 -0.86 4.08 5.85
CA LYS A 10 -2.02 4.62 6.66
C LYS A 10 -2.64 5.88 6.05
N GLY A 11 -3.64 5.68 5.23
CA GLY A 11 -4.33 6.81 4.53
C GLY A 11 -4.65 6.41 3.10
N SER A 12 -3.96 7.01 2.15
CA SER A 12 -4.18 6.66 0.71
C SER A 12 -2.88 6.12 0.12
N GLY A 13 -2.87 4.85 -0.25
CA GLY A 13 -1.64 4.23 -0.81
C GLY A 13 -1.99 3.41 -2.05
N LYS A 14 -1.00 2.73 -2.60
CA LYS A 14 -1.22 1.87 -3.82
C LYS A 14 -0.46 0.56 -3.63
N CYS A 15 -1.02 -0.54 -4.10
CA CYS A 15 -0.34 -1.86 -3.96
C CYS A 15 -0.38 -2.61 -5.30
N ILE A 16 0.76 -2.69 -5.96
CA ILE A 16 0.85 -3.40 -7.27
C ILE A 16 2.29 -3.84 -7.51
N ASN A 17 2.49 -4.88 -8.30
CA ASN A 17 3.86 -5.39 -8.57
C ASN A 17 4.54 -5.80 -7.26
N GLY A 18 3.75 -6.21 -6.29
CA GLY A 18 4.30 -6.64 -4.97
C GLY A 18 5.02 -5.46 -4.32
N ARG A 19 4.53 -4.26 -4.57
CA ARG A 19 5.16 -3.03 -3.98
C ARG A 19 4.07 -2.10 -3.49
N CYS A 20 4.08 -1.77 -2.21
CA CYS A 20 3.05 -0.87 -1.64
C CYS A 20 3.64 0.53 -1.45
N LYS A 21 3.23 1.46 -2.30
CA LYS A 21 3.73 2.87 -2.19
C LYS A 21 2.59 3.73 -1.64
N CYS A 22 2.93 4.80 -0.96
CA CYS A 22 1.88 5.70 -0.39
C CYS A 22 1.66 6.89 -1.31
N TYR A 23 0.47 7.46 -1.27
CA TYR A 23 0.14 8.63 -2.14
C TYR A 23 0.33 9.93 -1.34
N ALA A 1 1.68 -9.22 -5.31
CA ALA A 1 2.76 -9.02 -4.31
C ALA A 1 2.81 -7.55 -3.90
N CYS A 2 2.28 -7.22 -2.75
CA CYS A 2 2.28 -5.81 -2.26
C CYS A 2 3.23 -5.68 -1.07
N GLY A 3 2.84 -6.23 0.07
CA GLY A 3 3.71 -6.16 1.29
C GLY A 3 2.94 -5.50 2.44
N SER A 4 1.75 -5.99 2.72
CA SER A 4 0.93 -5.43 3.84
C SER A 4 0.65 -3.94 3.57
N CYS A 5 0.63 -3.55 2.30
CA CYS A 5 0.36 -2.12 1.95
C CYS A 5 -1.07 -1.75 2.32
N ARG A 6 -1.96 -2.72 2.34
CA ARG A 6 -3.39 -2.47 2.68
C ARG A 6 -3.50 -1.94 4.11
N LYS A 7 -2.82 -2.57 5.06
CA LYS A 7 -2.89 -2.13 6.49
C LYS A 7 -1.95 -0.95 6.70
N LYS A 8 -0.87 -0.88 5.93
CA LYS A 8 0.08 0.28 6.06
C LYS A 8 -0.71 1.53 5.68
N CYS A 9 -1.39 1.45 4.56
CA CYS A 9 -2.25 2.55 4.07
C CYS A 9 -3.69 2.21 4.49
N LYS A 10 -3.87 1.80 5.75
CA LYS A 10 -5.21 1.39 6.31
C LYS A 10 -6.39 2.06 5.60
N GLY A 11 -6.88 1.39 4.59
CA GLY A 11 -8.03 1.91 3.79
C GLY A 11 -7.67 1.87 2.30
N SER A 12 -7.67 3.03 1.65
CA SER A 12 -7.32 3.10 0.21
C SER A 12 -5.80 3.29 0.07
N GLY A 13 -5.11 2.28 -0.42
CA GLY A 13 -3.62 2.38 -0.59
C GLY A 13 -3.21 1.82 -1.94
N LYS A 14 -1.94 1.92 -2.26
CA LYS A 14 -1.42 1.40 -3.57
C LYS A 14 -0.08 0.68 -3.35
N CYS A 15 0.04 -0.52 -3.89
CA CYS A 15 1.31 -1.30 -3.77
C CYS A 15 1.84 -1.56 -5.18
N ILE A 16 2.76 -0.73 -5.62
CA ILE A 16 3.32 -0.87 -7.01
C ILE A 16 4.82 -0.57 -7.00
N ASN A 17 5.56 -1.20 -7.89
CA ASN A 17 7.04 -0.96 -7.98
C ASN A 17 7.69 -1.20 -6.62
N GLY A 18 7.13 -2.11 -5.83
CA GLY A 18 7.69 -2.40 -4.48
C GLY A 18 7.63 -1.14 -3.62
N ARG A 19 6.63 -0.32 -3.85
CA ARG A 19 6.46 0.94 -3.06
C ARG A 19 5.00 1.05 -2.63
N CYS A 20 4.77 1.27 -1.35
CA CYS A 20 3.38 1.36 -0.83
C CYS A 20 3.01 2.81 -0.54
N LYS A 21 2.20 3.41 -1.40
CA LYS A 21 1.74 4.80 -1.18
C LYS A 21 0.25 4.74 -0.81
N CYS A 22 -0.21 5.68 -0.01
CA CYS A 22 -1.65 5.66 0.41
C CYS A 22 -2.46 6.58 -0.50
N TYR A 23 -3.75 6.33 -0.57
CA TYR A 23 -4.66 7.17 -1.42
C TYR A 23 -5.34 8.21 -0.55
N ALA A 1 3.43 -9.07 -5.18
CA ALA A 1 2.59 -8.78 -3.98
C ALA A 1 2.69 -7.30 -3.62
N CYS A 2 1.70 -6.79 -2.94
CA CYS A 2 1.70 -5.34 -2.54
C CYS A 2 2.60 -5.16 -1.32
N GLY A 3 2.43 -6.00 -0.32
CA GLY A 3 3.26 -5.90 0.92
C GLY A 3 2.44 -5.30 2.07
N SER A 4 1.20 -5.73 2.20
CA SER A 4 0.32 -5.20 3.30
C SER A 4 0.22 -3.66 3.17
N CYS A 5 0.29 -3.17 1.97
CA CYS A 5 0.21 -1.69 1.73
C CYS A 5 -1.16 -1.15 2.16
N ARG A 6 -2.21 -1.89 1.88
CA ARG A 6 -3.59 -1.44 2.25
C ARG A 6 -3.68 -1.23 3.76
N LYS A 7 -3.10 -2.13 4.53
CA LYS A 7 -3.14 -2.00 6.02
C LYS A 7 -2.28 -0.80 6.43
N LYS A 8 -1.08 -0.68 5.86
CA LYS A 8 -0.20 0.49 6.18
C LYS A 8 -1.03 1.76 5.92
N CYS A 9 -1.71 1.76 4.81
CA CYS A 9 -2.63 2.88 4.45
C CYS A 9 -4.05 2.47 4.86
N LYS A 10 -4.19 1.89 6.04
CA LYS A 10 -5.51 1.38 6.58
C LYS A 10 -6.71 2.15 6.00
N GLY A 11 -7.22 1.65 4.90
CA GLY A 11 -8.38 2.29 4.22
C GLY A 11 -8.20 2.21 2.70
N SER A 12 -7.63 3.24 2.12
CA SER A 12 -7.39 3.26 0.64
C SER A 12 -5.94 3.65 0.36
N GLY A 13 -5.12 2.70 -0.03
CA GLY A 13 -3.69 2.98 -0.33
C GLY A 13 -3.33 2.47 -1.71
N LYS A 14 -2.06 2.56 -2.08
CA LYS A 14 -1.61 2.08 -3.42
C LYS A 14 -0.30 1.29 -3.30
N CYS A 15 -0.25 0.14 -3.94
CA CYS A 15 0.98 -0.71 -3.91
C CYS A 15 1.45 -0.92 -5.35
N ILE A 16 2.41 -0.14 -5.78
CA ILE A 16 2.92 -0.24 -7.19
C ILE A 16 4.41 0.05 -7.22
N ASN A 17 5.10 -0.45 -8.23
CA ASN A 17 6.57 -0.23 -8.36
C ASN A 17 7.28 -0.76 -7.10
N GLY A 18 6.71 -1.76 -6.48
CA GLY A 18 7.30 -2.35 -5.24
C GLY A 18 7.37 -1.27 -4.16
N ARG A 19 6.39 -0.39 -4.15
CA ARG A 19 6.35 0.71 -3.13
C ARG A 19 4.92 0.85 -2.61
N CYS A 20 4.76 1.48 -1.47
CA CYS A 20 3.39 1.65 -0.89
C CYS A 20 3.13 3.13 -0.56
N LYS A 21 2.12 3.68 -1.18
CA LYS A 21 1.74 5.11 -0.93
C LYS A 21 0.27 5.13 -0.54
N CYS A 22 -0.15 6.05 0.30
CA CYS A 22 -1.58 6.11 0.71
C CYS A 22 -2.32 7.13 -0.16
N TYR A 23 -3.63 7.01 -0.21
CA TYR A 23 -4.46 7.95 -1.04
C TYR A 23 -5.01 9.06 -0.14
N ALA A 1 3.39 -10.14 0.06
CA ALA A 1 3.12 -9.28 1.25
C ALA A 1 3.13 -7.80 0.82
N CYS A 2 2.01 -7.13 1.01
CA CYS A 2 1.92 -5.69 0.63
C CYS A 2 2.87 -4.88 1.51
N GLY A 3 2.75 -5.02 2.81
CA GLY A 3 3.64 -4.27 3.76
C GLY A 3 2.82 -3.23 4.52
N SER A 4 1.62 -3.60 4.95
CA SER A 4 0.75 -2.65 5.71
C SER A 4 0.49 -1.40 4.85
N CYS A 5 0.49 -1.57 3.55
CA CYS A 5 0.25 -0.42 2.62
C CYS A 5 -1.11 0.22 2.91
N ARG A 6 -2.05 -0.56 3.39
CA ARG A 6 -3.42 -0.04 3.70
C ARG A 6 -3.34 1.11 4.69
N LYS A 7 -2.64 0.92 5.79
CA LYS A 7 -2.51 2.00 6.82
C LYS A 7 -1.52 3.06 6.34
N LYS A 8 -0.41 2.65 5.75
CA LYS A 8 0.59 3.65 5.21
C LYS A 8 -0.17 4.62 4.30
N CYS A 9 -1.04 4.07 3.49
CA CYS A 9 -1.90 4.90 2.59
C CYS A 9 -3.27 5.08 3.29
N LYS A 10 -3.25 5.35 4.59
CA LYS A 10 -4.50 5.54 5.43
C LYS A 10 -5.70 6.02 4.60
N GLY A 11 -6.46 5.07 4.11
CA GLY A 11 -7.66 5.38 3.28
C GLY A 11 -7.70 4.44 2.07
N SER A 12 -6.97 4.75 1.03
CA SER A 12 -6.94 3.89 -0.18
C SER A 12 -5.56 3.96 -0.83
N GLY A 13 -4.85 2.85 -0.87
CA GLY A 13 -3.49 2.82 -1.49
C GLY A 13 -3.35 1.58 -2.37
N LYS A 14 -2.18 1.39 -2.94
CA LYS A 14 -1.93 0.22 -3.83
C LYS A 14 -0.59 -0.43 -3.48
N CYS A 15 -0.59 -1.72 -3.23
CA CYS A 15 0.67 -2.45 -2.89
C CYS A 15 0.97 -3.45 -4.00
N ILE A 16 1.81 -3.04 -4.93
CA ILE A 16 2.17 -3.93 -6.08
C ILE A 16 3.64 -3.72 -6.45
N ASN A 17 4.23 -4.69 -7.10
CA ASN A 17 5.67 -4.58 -7.50
C ASN A 17 6.54 -4.36 -6.26
N GLY A 18 6.09 -4.86 -5.12
CA GLY A 18 6.85 -4.70 -3.85
C GLY A 18 7.00 -3.20 -3.55
N ARG A 19 6.01 -2.41 -3.92
CA ARG A 19 6.06 -0.95 -3.66
C ARG A 19 4.68 -0.47 -3.23
N CYS A 20 4.61 0.29 -2.16
CA CYS A 20 3.30 0.79 -1.66
C CYS A 20 3.10 2.25 -2.07
N LYS A 21 2.20 2.49 -3.01
CA LYS A 21 1.89 3.87 -3.46
C LYS A 21 0.43 4.17 -3.08
N CYS A 22 0.12 5.40 -2.75
CA CYS A 22 -1.28 5.75 -2.35
C CYS A 22 -2.06 6.30 -3.54
N TYR A 23 -3.36 6.33 -3.42
CA TYR A 23 -4.24 6.82 -4.52
C TYR A 23 -4.61 8.30 -4.28
N ALA A 1 6.91 -8.24 1.67
CA ALA A 1 6.97 -7.00 2.50
C ALA A 1 6.22 -5.87 1.79
N CYS A 2 5.78 -4.88 2.54
CA CYS A 2 5.04 -3.73 1.93
C CYS A 2 5.55 -2.42 2.55
N GLY A 3 5.17 -2.14 3.77
CA GLY A 3 5.61 -0.89 4.45
C GLY A 3 4.39 -0.09 4.92
N SER A 4 3.53 -0.72 5.71
CA SER A 4 2.31 -0.03 6.23
C SER A 4 1.48 0.54 5.05
N CYS A 5 1.64 -0.03 3.88
CA CYS A 5 0.87 0.45 2.68
C CYS A 5 -0.63 0.37 2.95
N ARG A 6 -1.04 -0.55 3.81
CA ARG A 6 -2.49 -0.71 4.14
C ARG A 6 -3.00 0.57 4.82
N LYS A 7 -2.28 1.06 5.81
CA LYS A 7 -2.70 2.30 6.52
C LYS A 7 -2.44 3.51 5.64
N LYS A 8 -1.32 3.53 4.93
CA LYS A 8 -1.01 4.67 4.00
C LYS A 8 -2.19 4.79 3.03
N CYS A 9 -2.63 3.65 2.53
CA CYS A 9 -3.80 3.61 1.63
C CYS A 9 -5.03 3.21 2.49
N LYS A 10 -5.15 3.83 3.66
CA LYS A 10 -6.27 3.56 4.65
C LYS A 10 -7.54 3.03 3.98
N GLY A 11 -7.64 1.71 3.89
CA GLY A 11 -8.83 1.06 3.26
C GLY A 11 -8.37 -0.17 2.47
N SER A 12 -7.66 0.04 1.39
CA SER A 12 -7.17 -1.09 0.54
C SER A 12 -6.25 -0.53 -0.53
N GLY A 13 -4.95 -0.80 -0.41
CA GLY A 13 -3.97 -0.27 -1.41
C GLY A 13 -3.17 -1.43 -2.01
N LYS A 14 -2.02 -1.10 -2.56
CA LYS A 14 -1.13 -2.13 -3.19
C LYS A 14 0.33 -1.83 -2.83
N CYS A 15 1.06 -2.85 -2.44
CA CYS A 15 2.50 -2.68 -2.07
C CYS A 15 3.34 -3.60 -2.97
N ILE A 16 3.92 -3.04 -4.00
CA ILE A 16 4.74 -3.85 -4.96
C ILE A 16 5.89 -3.02 -5.51
N ASN A 17 6.98 -3.67 -5.85
CA ASN A 17 8.17 -2.94 -6.42
C ASN A 17 8.64 -1.87 -5.42
N GLY A 18 8.42 -2.10 -4.14
CA GLY A 18 8.82 -1.11 -3.10
C GLY A 18 8.05 0.19 -3.33
N ARG A 19 6.84 0.08 -3.83
CA ARG A 19 5.99 1.28 -4.10
C ARG A 19 4.59 1.03 -3.56
N CYS A 20 4.07 1.95 -2.80
CA CYS A 20 2.70 1.77 -2.21
C CYS A 20 1.69 2.65 -2.96
N LYS A 21 0.87 2.03 -3.78
CA LYS A 21 -0.18 2.77 -4.54
C LYS A 21 -1.53 2.37 -3.98
N CYS A 22 -2.49 3.27 -3.93
CA CYS A 22 -3.83 2.92 -3.36
C CYS A 22 -4.78 2.55 -4.51
N TYR A 23 -5.83 1.84 -4.18
CA TYR A 23 -6.83 1.41 -5.20
C TYR A 23 -8.01 2.38 -5.20
N ALA A 1 7.64 -8.12 0.14
CA ALA A 1 6.25 -8.04 0.65
C ALA A 1 5.80 -6.58 0.66
N CYS A 2 4.49 -6.34 0.66
CA CYS A 2 3.97 -4.95 0.67
C CYS A 2 4.34 -4.28 2.00
N GLY A 3 3.74 -4.72 3.09
CA GLY A 3 4.04 -4.13 4.43
C GLY A 3 2.77 -3.51 5.01
N SER A 4 1.71 -4.28 5.12
CA SER A 4 0.41 -3.77 5.68
C SER A 4 -0.05 -2.55 4.86
N CYS A 5 0.36 -2.47 3.62
CA CYS A 5 -0.04 -1.33 2.73
C CYS A 5 -1.56 -1.29 2.60
N ARG A 6 -2.19 -2.45 2.63
CA ARG A 6 -3.67 -2.52 2.49
C ARG A 6 -4.34 -1.79 3.66
N LYS A 7 -3.87 -2.03 4.87
CA LYS A 7 -4.47 -1.36 6.07
C LYS A 7 -4.01 0.10 6.12
N LYS A 8 -2.74 0.36 5.88
CA LYS A 8 -2.23 1.77 5.88
C LYS A 8 -3.08 2.56 4.88
N CYS A 9 -3.31 1.95 3.74
CA CYS A 9 -4.18 2.55 2.70
C CYS A 9 -5.58 1.92 2.84
N LYS A 10 -6.04 1.79 4.08
CA LYS A 10 -7.37 1.15 4.41
C LYS A 10 -8.39 1.27 3.26
N GLY A 11 -8.39 0.27 2.41
CA GLY A 11 -9.32 0.26 1.24
C GLY A 11 -8.53 -0.05 -0.03
N SER A 12 -8.39 0.93 -0.90
CA SER A 12 -7.63 0.72 -2.17
C SER A 12 -6.25 1.36 -2.04
N GLY A 13 -5.21 0.56 -2.08
CA GLY A 13 -3.81 1.09 -1.97
C GLY A 13 -2.90 0.42 -2.99
N LYS A 14 -1.63 0.74 -2.95
CA LYS A 14 -0.65 0.14 -3.92
C LYS A 14 0.70 -0.08 -3.23
N CYS A 15 1.20 -1.30 -3.27
CA CYS A 15 2.51 -1.62 -2.64
C CYS A 15 3.46 -2.18 -3.71
N ILE A 16 4.29 -1.34 -4.26
CA ILE A 16 5.26 -1.77 -5.32
C ILE A 16 6.55 -0.98 -5.18
N ASN A 17 7.63 -1.54 -5.69
CA ASN A 17 8.97 -0.85 -5.60
C ASN A 17 9.33 -0.64 -4.13
N GLY A 18 8.86 -1.52 -3.27
CA GLY A 18 9.18 -1.41 -1.80
C GLY A 18 8.62 -0.10 -1.27
N ARG A 19 7.51 0.35 -1.81
CA ARG A 19 6.89 1.63 -1.34
C ARG A 19 5.36 1.48 -1.37
N CYS A 20 4.70 1.96 -0.34
CA CYS A 20 3.21 1.85 -0.28
C CYS A 20 2.58 3.22 -0.54
N LYS A 21 1.62 3.25 -1.44
CA LYS A 21 0.90 4.52 -1.78
C LYS A 21 -0.60 4.19 -1.77
N CYS A 22 -1.42 5.13 -1.34
CA CYS A 22 -2.89 4.86 -1.29
C CYS A 22 -3.56 5.43 -2.53
N TYR A 23 -4.66 4.83 -2.92
CA TYR A 23 -5.41 5.29 -4.13
C TYR A 23 -6.58 6.18 -3.72
N ALA A 1 -2.69 -10.14 -1.19
CA ALA A 1 -1.20 -9.99 -1.24
C ALA A 1 -0.86 -8.50 -1.39
N CYS A 2 -0.42 -7.88 -0.31
CA CYS A 2 -0.05 -6.42 -0.35
C CYS A 2 1.22 -6.20 0.46
N GLY A 3 1.16 -6.43 1.75
CA GLY A 3 2.33 -6.23 2.65
C GLY A 3 2.09 -5.04 3.56
N SER A 4 0.99 -5.06 4.29
CA SER A 4 0.66 -3.94 5.23
C SER A 4 0.74 -2.58 4.49
N CYS A 5 0.25 -2.53 3.27
CA CYS A 5 0.28 -1.27 2.47
C CYS A 5 -0.62 -0.22 3.11
N ARG A 6 -1.65 -0.65 3.80
CA ARG A 6 -2.59 0.31 4.46
C ARG A 6 -1.84 1.13 5.51
N LYS A 7 -0.85 0.53 6.15
CA LYS A 7 -0.06 1.27 7.19
C LYS A 7 1.07 2.03 6.50
N LYS A 8 1.76 1.42 5.56
CA LYS A 8 2.86 2.12 4.83
C LYS A 8 2.27 3.41 4.25
N CYS A 9 1.10 3.29 3.67
CA CYS A 9 0.36 4.48 3.13
C CYS A 9 -0.66 4.90 4.21
N LYS A 10 -0.23 4.91 5.47
CA LYS A 10 -1.10 5.25 6.65
C LYS A 10 -2.24 6.20 6.28
N GLY A 11 -3.38 5.64 5.95
CA GLY A 11 -4.58 6.45 5.56
C GLY A 11 -5.25 5.80 4.35
N SER A 12 -4.77 6.11 3.17
CA SER A 12 -5.35 5.54 1.91
C SER A 12 -4.21 5.24 0.93
N GLY A 13 -4.03 3.98 0.58
CA GLY A 13 -2.94 3.60 -0.36
C GLY A 13 -3.44 2.53 -1.34
N LYS A 14 -2.52 1.95 -2.08
CA LYS A 14 -2.87 0.87 -3.07
C LYS A 14 -1.73 -0.14 -3.13
N CYS A 15 -2.07 -1.41 -3.12
CA CYS A 15 -1.04 -2.50 -3.17
C CYS A 15 -1.27 -3.37 -4.40
N ILE A 16 -0.41 -3.26 -5.38
CA ILE A 16 -0.56 -4.06 -6.64
C ILE A 16 0.82 -4.36 -7.22
N ASN A 17 0.96 -5.42 -7.98
CA ASN A 17 2.27 -5.77 -8.59
C ASN A 17 3.34 -5.94 -7.49
N GLY A 18 2.91 -6.34 -6.31
CA GLY A 18 3.86 -6.52 -5.17
C GLY A 18 4.47 -5.16 -4.82
N ARG A 19 3.72 -4.10 -5.00
CA ARG A 19 4.23 -2.72 -4.70
C ARG A 19 3.14 -1.95 -3.94
N CYS A 20 3.53 -1.13 -3.00
CA CYS A 20 2.55 -0.34 -2.21
C CYS A 20 2.68 1.15 -2.54
N LYS A 21 1.79 1.65 -3.38
CA LYS A 21 1.81 3.09 -3.76
C LYS A 21 0.71 3.78 -2.95
N CYS A 22 0.92 5.02 -2.55
CA CYS A 22 -0.11 5.74 -1.74
C CYS A 22 -0.95 6.62 -2.68
N TYR A 23 -2.11 7.00 -2.22
CA TYR A 23 -3.03 7.86 -3.05
C TYR A 23 -2.85 9.32 -2.64
N ALA A 1 0.80 -9.21 5.80
CA ALA A 1 1.32 -7.86 6.14
C ALA A 1 1.33 -6.97 4.88
N CYS A 2 1.34 -5.67 5.07
CA CYS A 2 1.35 -4.72 3.92
C CYS A 2 2.68 -3.96 3.91
N GLY A 3 2.95 -3.25 4.98
CA GLY A 3 4.21 -2.45 5.08
C GLY A 3 3.89 -0.96 5.00
N SER A 4 2.96 -0.50 5.83
CA SER A 4 2.56 0.94 5.84
C SER A 4 2.25 1.41 4.41
N CYS A 5 1.75 0.51 3.59
CA CYS A 5 1.40 0.85 2.17
C CYS A 5 0.39 2.00 2.14
N ARG A 6 -0.56 1.99 3.05
CA ARG A 6 -1.59 3.08 3.09
C ARG A 6 -0.92 4.44 3.27
N LYS A 7 0.09 4.50 4.11
CA LYS A 7 0.82 5.78 4.35
C LYS A 7 1.82 6.02 3.21
N LYS A 8 2.47 4.97 2.74
CA LYS A 8 3.43 5.12 1.59
C LYS A 8 2.67 5.78 0.44
N CYS A 9 1.48 5.30 0.19
CA CYS A 9 0.59 5.89 -0.84
C CYS A 9 -0.38 6.84 -0.13
N LYS A 10 0.14 7.64 0.81
CA LYS A 10 -0.68 8.61 1.63
C LYS A 10 -1.94 9.09 0.89
N GLY A 11 -3.02 8.37 1.10
CA GLY A 11 -4.32 8.71 0.44
C GLY A 11 -5.08 7.41 0.11
N SER A 12 -4.53 6.62 -0.78
CA SER A 12 -5.19 5.34 -1.18
C SER A 12 -4.18 4.44 -1.91
N GLY A 13 -3.76 3.36 -1.29
CA GLY A 13 -2.78 2.44 -1.93
C GLY A 13 -3.21 0.99 -1.71
N LYS A 14 -2.56 0.08 -2.40
CA LYS A 14 -2.90 -1.38 -2.27
C LYS A 14 -1.65 -2.18 -1.90
N CYS A 15 -1.78 -3.06 -0.92
CA CYS A 15 -0.62 -3.90 -0.47
C CYS A 15 -0.95 -5.36 -0.79
N ILE A 16 -0.48 -5.84 -1.91
CA ILE A 16 -0.75 -7.25 -2.32
C ILE A 16 0.47 -7.81 -3.06
N ASN A 17 0.58 -9.12 -3.11
CA ASN A 17 1.74 -9.78 -3.80
C ASN A 17 3.04 -9.31 -3.14
N GLY A 18 2.99 -9.00 -1.86
CA GLY A 18 4.21 -8.54 -1.13
C GLY A 18 4.74 -7.26 -1.77
N ARG A 19 3.83 -6.44 -2.29
CA ARG A 19 4.25 -5.15 -2.94
C ARG A 19 3.25 -4.06 -2.57
N CYS A 20 3.62 -2.81 -2.77
CA CYS A 20 2.70 -1.68 -2.42
C CYS A 20 2.57 -0.73 -3.62
N LYS A 21 1.42 -0.73 -4.24
CA LYS A 21 1.17 0.18 -5.40
C LYS A 21 0.15 1.23 -4.94
N CYS A 22 0.21 2.43 -5.49
CA CYS A 22 -0.75 3.50 -5.07
C CYS A 22 -1.91 3.55 -6.06
N TYR A 23 -3.01 4.12 -5.63
CA TYR A 23 -4.23 4.23 -6.50
C TYR A 23 -4.25 5.62 -7.14
N ALA A 1 -3.70 -10.27 -0.91
CA ALA A 1 -3.37 -9.64 0.40
C ALA A 1 -2.45 -8.44 0.17
N CYS A 2 -2.80 -7.31 0.76
CA CYS A 2 -1.97 -6.08 0.60
C CYS A 2 -1.00 -5.96 1.78
N GLY A 3 -1.52 -5.93 2.98
CA GLY A 3 -0.65 -5.81 4.20
C GLY A 3 -0.84 -4.45 4.85
N SER A 4 -2.07 -3.96 4.89
CA SER A 4 -2.36 -2.62 5.51
C SER A 4 -1.63 -1.53 4.71
N CYS A 5 -1.50 -1.73 3.41
CA CYS A 5 -0.81 -0.73 2.54
C CYS A 5 -1.56 0.60 2.60
N ARG A 6 -2.86 0.55 2.74
CA ARG A 6 -3.69 1.81 2.80
C ARG A 6 -3.25 2.66 3.98
N LYS A 7 -2.92 2.03 5.09
CA LYS A 7 -2.48 2.79 6.31
C LYS A 7 -1.03 3.24 6.14
N LYS A 8 -0.18 2.39 5.57
CA LYS A 8 1.27 2.78 5.35
C LYS A 8 1.27 4.09 4.57
N CYS A 9 0.51 4.12 3.49
CA CYS A 9 0.35 5.36 2.68
C CYS A 9 -0.96 6.03 3.13
N LYS A 10 -1.15 6.12 4.44
CA LYS A 10 -2.40 6.73 5.07
C LYS A 10 -3.07 7.76 4.16
N GLY A 11 -3.98 7.28 3.34
CA GLY A 11 -4.72 8.16 2.39
C GLY A 11 -5.11 7.34 1.16
N SER A 12 -4.14 7.00 0.34
CA SER A 12 -4.40 6.20 -0.89
C SER A 12 -3.08 5.60 -1.38
N GLY A 13 -2.93 4.29 -1.28
CA GLY A 13 -1.66 3.64 -1.73
C GLY A 13 -1.97 2.46 -2.65
N LYS A 14 -0.92 1.83 -3.15
CA LYS A 14 -1.09 0.66 -4.08
C LYS A 14 -0.38 -0.57 -3.49
N CYS A 15 -1.09 -1.68 -3.41
CA CYS A 15 -0.50 -2.94 -2.85
C CYS A 15 -0.45 -3.99 -3.96
N ILE A 16 0.69 -4.11 -4.61
CA ILE A 16 0.84 -5.09 -5.74
C ILE A 16 2.26 -5.67 -5.73
N ASN A 17 2.43 -6.83 -6.31
CA ASN A 17 3.78 -7.48 -6.36
C ASN A 17 4.31 -7.66 -4.93
N GLY A 18 3.42 -7.81 -3.97
CA GLY A 18 3.84 -7.97 -2.55
C GLY A 18 4.58 -6.71 -2.10
N ARG A 19 4.23 -5.58 -2.66
CA ARG A 19 4.91 -4.29 -2.31
C ARG A 19 3.83 -3.23 -2.07
N CYS A 20 4.13 -2.25 -1.24
CA CYS A 20 3.14 -1.17 -0.95
C CYS A 20 3.70 0.18 -1.38
N LYS A 21 2.95 0.90 -2.18
CA LYS A 21 3.38 2.24 -2.66
C LYS A 21 2.28 3.25 -2.32
N CYS A 22 2.56 4.53 -2.46
CA CYS A 22 1.54 5.58 -2.17
C CYS A 22 1.10 6.25 -3.47
N TYR A 23 -0.12 6.75 -3.49
CA TYR A 23 -0.65 7.42 -4.73
C TYR A 23 -0.53 8.94 -4.57
#